data_4EV0
#
_entry.id   4EV0
#
_cell.length_a   46.250
_cell.length_b   94.842
_cell.length_c   121.439
_cell.angle_alpha   90.000
_cell.angle_beta   90.000
_cell.angle_gamma   90.000
#
_symmetry.space_group_name_H-M   'P 21 21 21'
#
loop_
_entity.id
_entity.type
_entity.pdbx_description
1 polymer 'Transcription regulator, Crp family'
2 non-polymer "ADENOSINE-3',5'-CYCLIC-MONOPHOSPHATE"
3 non-polymer 'SULFATE ION'
4 non-polymer 'MAGNESIUM ION'
5 water water
#
_entity_poly.entity_id   1
_entity_poly.type   'polypeptide(L)'
_entity_poly.pdbx_seq_one_letter_code
;MKGSPLFHGLAPEEVDLALSYFQRRLYPQGKPIFYQGDLGQALYLVASGKVRLFRTHLGGQERTLALLGPGELFGEMSLL
DEGERSASAVAVEDTELLALFREDYLALIRRLPLVAHNLAALLARRLREADLELDLLSFEEARNRVAYALLKLLRQGLGP
LFQIRHHELAALAGTSRETVSRVLHALAEEGVVRLGPGTVEVREAALLEEIAFGLA
;
_entity_poly.pdbx_strand_id   A,D
#
loop_
_chem_comp.id
_chem_comp.type
_chem_comp.name
_chem_comp.formula
CMP non-polymer ADENOSINE-3',5'-CYCLIC-MONOPHOSPHATE 'C10 H12 N5 O6 P'
MG non-polymer 'MAGNESIUM ION' 'Mg 2'
SO4 non-polymer 'SULFATE ION' 'O4 S -2'
#
# COMPACT_ATOMS: atom_id res chain seq x y z
N SER A 4 2.93 22.56 14.70
CA SER A 4 2.94 21.13 14.42
C SER A 4 1.56 20.48 14.61
N PRO A 5 1.05 19.81 13.57
CA PRO A 5 -0.29 19.22 13.63
C PRO A 5 -0.49 18.17 14.73
N LEU A 6 0.59 17.60 15.26
CA LEU A 6 0.50 16.64 16.38
C LEU A 6 -0.03 17.33 17.63
N PHE A 7 0.07 18.66 17.65
CA PHE A 7 -0.33 19.42 18.82
C PHE A 7 -1.55 20.29 18.51
N HIS A 8 -2.25 19.96 17.43
CA HIS A 8 -3.45 20.71 17.06
C HIS A 8 -4.53 20.60 18.14
N GLY A 9 -5.05 21.75 18.56
CA GLY A 9 -6.03 21.77 19.62
C GLY A 9 -5.48 21.93 21.03
N LEU A 10 -4.17 21.83 21.20
CA LEU A 10 -3.60 21.99 22.55
C LEU A 10 -3.40 23.45 22.94
N ALA A 11 -3.69 23.77 24.18
CA ALA A 11 -3.38 25.10 24.71
C ALA A 11 -1.87 25.34 24.66
N PRO A 12 -1.44 26.61 24.60
CA PRO A 12 0.01 26.87 24.57
C PRO A 12 0.81 26.23 25.72
N GLU A 13 0.27 26.16 26.92
CA GLU A 13 1.00 25.53 28.02
C GLU A 13 0.93 24.00 27.95
N GLU A 14 0.00 23.49 27.17
CA GLU A 14 -0.08 22.05 26.93
C GLU A 14 0.93 21.64 25.89
N VAL A 15 1.14 22.51 24.90
CA VAL A 15 2.18 22.25 23.92
C VAL A 15 3.51 22.13 24.65
N ASP A 16 3.76 23.06 25.58
CA ASP A 16 4.97 23.05 26.39
C ASP A 16 5.09 21.75 27.18
N LEU A 17 4.01 21.33 27.82
CA LEU A 17 4.03 20.09 28.58
C LEU A 17 4.31 18.87 27.67
N ALA A 18 3.71 18.86 26.49
CA ALA A 18 3.91 17.76 25.57
C ALA A 18 5.36 17.71 25.14
N LEU A 19 5.92 18.86 24.80
CA LEU A 19 7.29 18.92 24.33
C LEU A 19 8.31 18.43 25.34
N SER A 20 7.93 18.36 26.61
CA SER A 20 8.84 17.97 27.68
C SER A 20 9.03 16.46 27.68
N TYR A 21 8.12 15.72 27.04
CA TYR A 21 8.29 14.28 26.91
C TYR A 21 9.30 13.92 25.80
N PHE A 22 9.60 14.87 24.92
CA PHE A 22 10.56 14.60 23.83
C PHE A 22 12.02 14.76 24.29
N GLN A 23 12.94 14.25 23.47
CA GLN A 23 14.36 14.32 23.73
C GLN A 23 15.08 14.76 22.47
N ARG A 24 15.99 15.71 22.63
CA ARG A 24 16.67 16.31 21.51
C ARG A 24 17.81 15.40 21.01
N ARG A 25 17.86 15.22 19.69
CA ARG A 25 18.92 14.45 19.05
C ARG A 25 19.43 15.25 17.86
N LEU A 26 20.76 15.29 17.70
CA LEU A 26 21.38 16.06 16.62
C LEU A 26 21.96 15.14 15.55
N TYR A 27 21.80 15.55 14.30
CA TYR A 27 22.27 14.77 13.16
C TYR A 27 22.85 15.72 12.13
N PRO A 28 24.19 15.76 12.03
CA PRO A 28 24.80 16.56 10.96
C PRO A 28 24.46 16.04 9.55
N GLN A 29 24.69 16.87 8.54
CA GLN A 29 24.28 16.58 7.17
C GLN A 29 24.83 15.26 6.62
N GLY A 30 23.93 14.45 6.07
CA GLY A 30 24.32 13.20 5.44
C GLY A 30 24.32 12.00 6.39
N LYS A 31 24.02 12.25 7.66
CA LYS A 31 23.96 11.20 8.67
C LYS A 31 22.62 10.45 8.73
N PRO A 32 22.69 9.10 8.71
CA PRO A 32 21.49 8.28 8.77
C PRO A 32 20.81 8.43 10.14
N ILE A 33 19.50 8.66 10.15
CA ILE A 33 18.72 8.69 11.38
C ILE A 33 18.20 7.30 11.73
N PHE A 34 17.66 6.60 10.73
CA PHE A 34 17.39 5.18 10.83
C PHE A 34 17.25 4.53 9.46
N TYR A 35 17.33 3.20 9.43
CA TYR A 35 17.15 2.45 8.18
C TYR A 35 15.85 1.63 8.19
N GLN A 36 15.29 1.44 6.99
CA GLN A 36 14.20 0.48 6.77
C GLN A 36 14.58 -0.87 7.36
N GLY A 37 13.65 -1.51 8.07
CA GLY A 37 13.95 -2.74 8.78
C GLY A 37 14.32 -2.59 10.26
N ASP A 38 14.72 -1.40 10.68
CA ASP A 38 15.10 -1.19 12.08
C ASP A 38 13.91 -1.39 13.03
N LEU A 39 14.17 -1.93 14.21
CA LEU A 39 13.12 -1.93 15.22
C LEU A 39 13.10 -0.57 15.95
N GLY A 40 12.23 0.31 15.46
CA GLY A 40 12.16 1.65 15.99
C GLY A 40 11.49 1.73 17.35
N GLN A 41 11.94 2.67 18.18
CA GLN A 41 11.37 2.82 19.51
C GLN A 41 10.82 4.21 19.78
N ALA A 42 10.78 5.05 18.74
CA ALA A 42 10.44 6.45 18.88
C ALA A 42 9.91 7.06 17.59
N LEU A 43 9.07 8.09 17.74
CA LEU A 43 8.75 8.98 16.62
C LEU A 43 9.55 10.28 16.73
N TYR A 44 9.55 11.07 15.67
CA TYR A 44 10.40 12.25 15.64
C TYR A 44 9.65 13.47 15.14
N LEU A 45 9.97 14.64 15.69
CA LEU A 45 9.62 15.91 15.06
C LEU A 45 10.89 16.58 14.56
N VAL A 46 10.81 17.23 13.40
CA VAL A 46 11.94 18.02 12.93
C VAL A 46 11.87 19.39 13.60
N ALA A 47 12.88 19.71 14.40
CA ALA A 47 12.98 21.04 15.01
C ALA A 47 13.66 21.99 14.03
N SER A 48 14.74 21.51 13.40
CA SER A 48 15.47 22.30 12.41
C SER A 48 16.25 21.38 11.46
N GLY A 49 16.45 21.85 10.23
CA GLY A 49 17.13 21.07 9.23
C GLY A 49 16.18 20.44 8.22
N LYS A 50 16.55 19.28 7.70
CA LYS A 50 15.78 18.65 6.63
C LYS A 50 16.06 17.15 6.59
N VAL A 51 14.99 16.36 6.52
CA VAL A 51 15.10 14.91 6.48
C VAL A 51 14.54 14.35 5.17
N ARG A 52 15.24 13.39 4.60
CA ARG A 52 14.71 12.67 3.45
C ARG A 52 14.29 11.28 3.90
N LEU A 53 13.04 10.92 3.58
CA LEU A 53 12.54 9.58 3.82
C LEU A 53 12.55 8.84 2.51
N PHE A 54 13.05 7.61 2.52
CA PHE A 54 13.08 6.82 1.30
C PHE A 54 12.93 5.33 1.61
N ARG A 55 12.34 4.61 0.66
CA ARG A 55 11.98 3.22 0.84
C ARG A 55 12.68 2.38 -0.24
N THR A 56 13.02 1.14 0.12
CA THR A 56 13.73 0.26 -0.80
C THR A 56 12.76 -0.65 -1.56
N HIS A 57 12.74 -0.49 -2.87
CA HIS A 57 11.77 -1.18 -3.70
C HIS A 57 12.37 -2.18 -4.69
N LEU A 58 12.80 -3.32 -4.16
CA LEU A 58 13.06 -4.52 -4.96
C LEU A 58 14.19 -4.39 -5.99
N GLY A 59 15.33 -5.01 -5.69
CA GLY A 59 16.51 -4.91 -6.52
C GLY A 59 17.61 -4.10 -5.85
N GLY A 60 17.21 -3.29 -4.87
CA GLY A 60 18.14 -2.44 -4.11
C GLY A 60 17.94 -0.96 -4.34
N GLN A 61 16.87 -0.60 -5.04
CA GLN A 61 16.63 0.79 -5.44
C GLN A 61 15.73 1.55 -4.45
N GLU A 62 15.85 2.88 -4.43
CA GLU A 62 15.18 3.71 -3.42
C GLU A 62 14.20 4.77 -3.95
N ARG A 63 12.91 4.57 -3.68
CA ARG A 63 11.91 5.58 -3.96
C ARG A 63 11.89 6.61 -2.81
N THR A 64 11.99 7.89 -3.16
CA THR A 64 11.93 8.96 -2.15
C THR A 64 10.48 9.27 -1.78
N LEU A 65 10.17 9.19 -0.48
CA LEU A 65 8.78 9.33 -0.02
C LEU A 65 8.42 10.76 0.26
N ALA A 66 9.37 11.48 0.86
CA ALA A 66 9.15 12.87 1.21
C ALA A 66 10.45 13.55 1.61
N LEU A 67 10.39 14.87 1.63
CA LEU A 67 11.41 15.71 2.26
C LEU A 67 10.68 16.47 3.36
N LEU A 68 11.19 16.37 4.58
CA LEU A 68 10.52 16.94 5.74
C LEU A 68 11.36 18.05 6.35
N GLY A 69 10.70 19.16 6.66
CA GLY A 69 11.34 20.28 7.32
C GLY A 69 10.71 20.52 8.68
N PRO A 70 11.11 21.61 9.34
CA PRO A 70 10.69 21.97 10.70
C PRO A 70 9.18 21.81 10.91
N GLY A 71 8.77 21.16 12.00
CA GLY A 71 7.37 20.98 12.33
C GLY A 71 6.78 19.65 11.89
N GLU A 72 7.46 18.96 10.99
CA GLU A 72 6.89 17.74 10.45
C GLU A 72 7.30 16.48 11.23
N LEU A 73 6.40 15.51 11.19
CA LEU A 73 6.53 14.28 11.97
C LEU A 73 6.81 13.01 11.12
N PHE A 74 7.58 12.07 11.68
CA PHE A 74 7.82 10.79 11.03
C PHE A 74 8.24 9.73 12.06
N GLY A 75 8.28 8.48 11.62
CA GLY A 75 8.64 7.39 12.51
C GLY A 75 7.52 6.95 13.44
N GLU A 76 6.28 7.31 13.13
CA GLU A 76 5.15 6.95 13.99
C GLU A 76 4.77 5.46 13.96
N MET A 77 5.02 4.78 12.83
CA MET A 77 4.67 3.36 12.70
C MET A 77 5.29 2.45 13.76
N SER A 78 6.62 2.38 13.81
CA SER A 78 7.31 1.55 14.79
C SER A 78 6.94 1.97 16.21
N LEU A 79 6.70 3.27 16.38
CA LEU A 79 6.28 3.74 17.68
C LEU A 79 4.98 3.04 18.05
N LEU A 80 4.04 3.05 17.12
CA LEU A 80 2.71 2.52 17.38
C LEU A 80 2.68 0.99 17.51
N ASP A 81 3.24 0.27 16.53
CA ASP A 81 3.05 -1.19 16.49
C ASP A 81 4.30 -2.01 16.80
N GLU A 82 5.41 -1.34 17.06
CA GLU A 82 6.68 -1.99 17.37
C GLU A 82 7.27 -2.80 16.20
N GLY A 83 6.74 -2.62 14.99
CA GLY A 83 7.28 -3.30 13.82
C GLY A 83 8.43 -2.56 13.20
N GLU A 84 8.91 -3.00 12.04
CA GLU A 84 10.06 -2.38 11.40
C GLU A 84 9.75 -0.96 10.94
N ARG A 85 10.78 -0.14 10.82
CA ARG A 85 10.67 1.11 10.07
C ARG A 85 10.35 0.76 8.64
N SER A 86 9.31 1.39 8.09
CA SER A 86 8.92 1.06 6.71
C SER A 86 9.62 1.97 5.70
N ALA A 87 10.51 2.82 6.20
CA ALA A 87 11.34 3.66 5.33
C ALA A 87 12.65 4.03 6.02
N SER A 88 13.62 4.49 5.24
CA SER A 88 14.84 4.99 5.84
C SER A 88 14.73 6.50 5.98
N ALA A 89 15.45 7.07 6.94
CA ALA A 89 15.44 8.50 7.19
C ALA A 89 16.88 8.95 7.30
N VAL A 90 17.22 10.01 6.58
CA VAL A 90 18.57 10.51 6.60
C VAL A 90 18.51 12.04 6.62
N ALA A 91 19.42 12.67 7.37
CA ALA A 91 19.50 14.11 7.38
C ALA A 91 20.14 14.61 6.09
N VAL A 92 19.52 15.58 5.43
CA VAL A 92 20.14 16.16 4.24
C VAL A 92 20.73 17.54 4.55
N GLU A 93 20.47 18.04 5.74
CA GLU A 93 21.14 19.20 6.31
C GLU A 93 21.56 18.86 7.73
N ASP A 94 22.29 19.77 8.37
CA ASP A 94 22.52 19.66 9.81
C ASP A 94 21.15 19.76 10.46
N THR A 95 20.77 18.74 11.21
CA THR A 95 19.37 18.59 11.63
C THR A 95 19.21 18.40 13.13
N GLU A 96 18.18 19.04 13.69
CA GLU A 96 17.80 18.84 15.07
C GLU A 96 16.44 18.15 15.12
N LEU A 97 16.36 17.05 15.87
CA LEU A 97 15.12 16.29 15.99
C LEU A 97 14.64 16.20 17.44
N LEU A 98 13.33 16.31 17.64
CA LEU A 98 12.72 15.97 18.92
C LEU A 98 12.17 14.54 18.85
N ALA A 99 12.64 13.68 19.73
CA ALA A 99 12.28 12.27 19.67
C ALA A 99 11.41 11.89 20.85
N LEU A 100 10.34 11.16 20.55
CA LEU A 100 9.44 10.65 21.56
C LEU A 100 9.49 9.12 21.66
N PHE A 101 10.12 8.62 22.71
CA PHE A 101 10.22 7.18 22.92
C PHE A 101 8.89 6.57 23.36
N ARG A 102 8.69 5.29 23.05
CA ARG A 102 7.39 4.66 23.24
C ARG A 102 6.85 4.77 24.68
N GLU A 103 7.66 4.47 25.69
CA GLU A 103 7.19 4.55 27.08
C GLU A 103 6.79 5.98 27.47
N ASP A 104 7.45 6.96 26.87
CA ASP A 104 7.11 8.37 27.14
C ASP A 104 5.89 8.80 26.34
N TYR A 105 5.71 8.21 25.17
CA TYR A 105 4.51 8.43 24.38
C TYR A 105 3.27 7.96 25.15
N LEU A 106 3.37 6.77 25.73
CA LEU A 106 2.27 6.18 26.49
C LEU A 106 1.91 7.02 27.71
N ALA A 107 2.93 7.59 28.36
CA ALA A 107 2.68 8.44 29.52
C ALA A 107 2.02 9.75 29.07
N LEU A 108 2.44 10.24 27.90
CA LEU A 108 1.99 11.54 27.42
C LEU A 108 0.49 11.54 27.04
N ILE A 109 0.08 10.55 26.26
CA ILE A 109 -1.32 10.51 25.84
C ILE A 109 -2.24 10.22 27.03
N ARG A 110 -1.68 9.66 28.10
CA ARG A 110 -2.41 9.42 29.32
C ARG A 110 -2.73 10.78 29.96
N ARG A 111 -1.87 11.75 29.68
CA ARG A 111 -1.95 13.09 30.23
CA ARG A 111 -1.97 13.09 30.23
C ARG A 111 -2.60 14.06 29.22
N LEU A 112 -2.38 13.83 27.94
CA LEU A 112 -2.98 14.63 26.86
C LEU A 112 -3.55 13.75 25.74
N PRO A 113 -4.74 13.20 25.98
CA PRO A 113 -5.37 12.23 25.05
C PRO A 113 -5.48 12.75 23.61
N LEU A 114 -5.64 14.06 23.45
CA LEU A 114 -5.74 14.69 22.14
C LEU A 114 -4.51 14.42 21.26
N VAL A 115 -3.37 14.17 21.89
CA VAL A 115 -2.16 13.83 21.15
C VAL A 115 -2.30 12.46 20.47
N ALA A 116 -2.92 11.51 21.16
CA ALA A 116 -3.11 10.21 20.55
C ALA A 116 -4.16 10.33 19.43
N HIS A 117 -5.23 11.09 19.71
CA HIS A 117 -6.22 11.43 18.67
C HIS A 117 -5.59 12.06 17.44
N ASN A 118 -4.69 13.02 17.66
CA ASN A 118 -4.10 13.77 16.57
C ASN A 118 -3.26 12.85 15.69
N LEU A 119 -2.68 11.84 16.34
CA LEU A 119 -1.85 10.84 15.67
C LEU A 119 -2.74 9.88 14.84
N ALA A 120 -3.82 9.39 15.41
CA ALA A 120 -4.75 8.59 14.64
C ALA A 120 -5.28 9.38 13.43
N ALA A 121 -5.51 10.67 13.64
CA ALA A 121 -6.06 11.53 12.58
C ALA A 121 -5.09 11.64 11.43
N LEU A 122 -3.79 11.70 11.76
CA LEU A 122 -2.75 11.82 10.76
C LEU A 122 -2.58 10.55 9.93
N LEU A 123 -2.63 9.40 10.61
CA LEU A 123 -2.58 8.11 9.95
C LEU A 123 -3.79 7.93 9.05
N ALA A 124 -4.92 8.47 9.50
CA ALA A 124 -6.17 8.46 8.72
C ALA A 124 -6.00 9.20 7.39
N ARG A 125 -5.29 10.33 7.43
CA ARG A 125 -4.98 11.08 6.22
C ARG A 125 -4.07 10.29 5.27
N ARG A 126 -3.11 9.56 5.85
CA ARG A 126 -2.18 8.80 5.02
C ARG A 126 -2.87 7.60 4.37
N LEU A 127 -3.79 6.97 5.09
CA LEU A 127 -4.57 5.87 4.55
C LEU A 127 -5.48 6.32 3.41
N ARG A 128 -5.99 7.55 3.51
CA ARG A 128 -6.76 8.12 2.40
C ARG A 128 -5.89 8.18 1.16
N GLU A 129 -4.67 8.69 1.31
CA GLU A 129 -3.73 8.84 0.20
C GLU A 129 -3.38 7.49 -0.39
N ALA A 130 -3.29 6.48 0.46
CA ALA A 130 -2.88 5.14 0.10
C ALA A 130 -3.98 4.43 -0.70
N ASP A 131 -5.23 4.71 -0.37
CA ASP A 131 -6.35 4.15 -1.08
C ASP A 131 -6.39 4.76 -2.47
N LEU A 132 -6.15 6.05 -2.55
CA LEU A 132 -6.09 6.72 -3.84
C LEU A 132 -4.97 6.12 -4.73
N GLU A 133 -3.86 5.73 -4.12
CA GLU A 133 -2.75 5.13 -4.84
C GLU A 133 -3.07 3.71 -5.26
N LEU A 134 -3.76 2.97 -4.39
CA LEU A 134 -4.17 1.59 -4.68
C LEU A 134 -5.25 1.45 -5.76
N ASP A 135 -6.13 2.45 -5.86
CA ASP A 135 -7.06 2.56 -6.99
C ASP A 135 -6.22 2.59 -8.26
N LEU A 136 -5.16 3.38 -8.22
CA LEU A 136 -4.25 3.56 -9.35
C LEU A 136 -3.46 2.30 -9.67
N LEU A 137 -3.12 1.51 -8.65
CA LEU A 137 -2.40 0.27 -8.88
C LEU A 137 -3.18 -0.73 -9.71
N SER A 138 -4.49 -0.85 -9.43
CA SER A 138 -5.37 -1.72 -10.18
C SER A 138 -5.27 -1.40 -11.64
N PHE A 139 -5.45 -0.13 -11.95
CA PHE A 139 -5.35 0.31 -13.32
C PHE A 139 -3.94 0.05 -13.90
N GLU A 140 -2.89 0.40 -13.16
CA GLU A 140 -1.51 0.19 -13.62
C GLU A 140 -1.21 -1.28 -13.96
N GLU A 141 -1.55 -2.19 -13.06
CA GLU A 141 -1.40 -3.62 -13.32
C GLU A 141 -2.21 -4.03 -14.54
N ALA A 142 -3.42 -3.49 -14.65
CA ALA A 142 -4.27 -3.79 -15.80
C ALA A 142 -3.55 -3.39 -17.10
N ARG A 143 -2.88 -2.24 -17.06
CA ARG A 143 -2.20 -1.73 -18.24
C ARG A 143 -1.05 -2.66 -18.67
N ASN A 144 -0.34 -3.27 -17.71
CA ASN A 144 0.69 -4.24 -18.03
C ASN A 144 0.06 -5.48 -18.67
N ARG A 145 -1.02 -5.97 -18.06
CA ARG A 145 -1.62 -7.21 -18.48
C ARG A 145 -2.26 -7.07 -19.84
N VAL A 146 -2.87 -5.93 -20.10
CA VAL A 146 -3.43 -5.70 -21.44
C VAL A 146 -2.31 -5.65 -22.48
N ALA A 147 -1.25 -4.88 -22.19
CA ALA A 147 -0.09 -4.83 -23.08
C ALA A 147 0.44 -6.25 -23.37
N TYR A 148 0.63 -7.02 -22.31
CA TYR A 148 1.08 -8.40 -22.43
C TYR A 148 0.17 -9.25 -23.34
N ALA A 149 -1.16 -9.11 -23.20
CA ALA A 149 -2.08 -9.89 -24.04
C ALA A 149 -1.86 -9.59 -25.53
N LEU A 150 -1.82 -8.31 -25.87
CA LEU A 150 -1.57 -7.90 -27.24
C LEU A 150 -0.20 -8.36 -27.69
N LEU A 151 0.80 -8.21 -26.82
CA LEU A 151 2.15 -8.68 -27.12
C LEU A 151 2.13 -10.16 -27.52
N LYS A 152 1.32 -10.98 -26.83
CA LYS A 152 1.24 -12.39 -27.17
C LYS A 152 0.67 -12.63 -28.57
N LEU A 153 -0.31 -11.82 -28.97
CA LEU A 153 -0.91 -11.96 -30.29
C LEU A 153 0.15 -11.67 -31.34
N LEU A 154 0.96 -10.65 -31.06
CA LEU A 154 2.01 -10.23 -31.95
C LEU A 154 3.07 -11.34 -32.10
N ARG A 155 3.35 -12.02 -31.00
CA ARG A 155 4.34 -13.08 -30.99
C ARG A 155 3.81 -14.43 -31.45
N GLN A 156 2.50 -14.56 -31.54
CA GLN A 156 1.88 -15.77 -32.05
C GLN A 156 1.75 -15.68 -33.57
N GLY A 157 2.25 -14.58 -34.12
CA GLY A 157 2.30 -14.42 -35.56
C GLY A 157 1.36 -13.37 -36.11
N LEU A 158 0.35 -13.01 -35.32
CA LEU A 158 -0.70 -12.11 -35.79
C LEU A 158 -0.22 -10.65 -35.82
N GLY A 159 -1.09 -9.76 -36.28
CA GLY A 159 -0.78 -8.35 -36.29
C GLY A 159 0.15 -7.82 -37.39
N PRO A 160 0.52 -6.53 -37.28
CA PRO A 160 0.27 -5.66 -36.12
C PRO A 160 -1.18 -5.16 -35.97
N LEU A 161 -2.02 -5.34 -36.99
CA LEU A 161 -3.43 -4.96 -36.87
C LEU A 161 -4.28 -6.15 -36.43
N PHE A 162 -5.03 -5.99 -35.33
CA PHE A 162 -5.90 -7.07 -34.84
C PHE A 162 -7.38 -6.78 -35.03
N GLN A 163 -8.11 -7.80 -35.50
CA GLN A 163 -9.56 -7.80 -35.42
C GLN A 163 -9.88 -8.36 -34.04
N ILE A 164 -10.29 -7.48 -33.13
CA ILE A 164 -10.55 -7.89 -31.76
C ILE A 164 -11.47 -6.94 -30.98
N ARG A 165 -12.39 -7.52 -30.22
CA ARG A 165 -13.31 -6.75 -29.40
C ARG A 165 -12.69 -6.56 -28.01
N HIS A 166 -13.13 -5.52 -27.29
CA HIS A 166 -12.61 -5.23 -25.95
C HIS A 166 -12.82 -6.38 -24.97
N HIS A 167 -14.00 -7.00 -25.04
CA HIS A 167 -14.27 -8.14 -24.18
C HIS A 167 -13.35 -9.34 -24.49
N GLU A 168 -12.97 -9.54 -25.74
CA GLU A 168 -11.99 -10.58 -26.06
C GLU A 168 -10.64 -10.29 -25.34
N LEU A 169 -10.15 -9.07 -25.51
CA LEU A 169 -8.95 -8.62 -24.82
C LEU A 169 -9.07 -8.77 -23.30
N ALA A 170 -10.25 -8.43 -22.76
CA ALA A 170 -10.48 -8.55 -21.34
C ALA A 170 -10.33 -9.99 -20.83
N ALA A 171 -10.91 -10.96 -21.52
CA ALA A 171 -10.64 -12.36 -21.23
C ALA A 171 -9.12 -12.66 -21.31
N LEU A 172 -8.45 -12.20 -22.36
CA LEU A 172 -7.03 -12.52 -22.52
C LEU A 172 -6.20 -11.92 -21.38
N ALA A 173 -6.54 -10.71 -20.97
CA ALA A 173 -5.75 -10.03 -19.97
C ALA A 173 -6.19 -10.26 -18.52
N GLY A 174 -7.27 -11.00 -18.30
CA GLY A 174 -7.77 -11.19 -16.95
C GLY A 174 -8.23 -9.88 -16.32
N THR A 175 -8.98 -9.10 -17.07
CA THR A 175 -9.56 -7.87 -16.55
C THR A 175 -10.98 -7.70 -17.09
N SER A 176 -11.60 -6.58 -16.77
CA SER A 176 -12.96 -6.35 -17.23
C SER A 176 -12.93 -5.56 -18.52
N ARG A 177 -14.05 -5.55 -19.22
CA ARG A 177 -14.18 -4.86 -20.49
C ARG A 177 -14.01 -3.35 -20.32
N GLU A 178 -14.66 -2.78 -19.30
CA GLU A 178 -14.55 -1.36 -19.00
C GLU A 178 -13.10 -0.93 -18.75
N THR A 179 -12.37 -1.75 -17.99
CA THR A 179 -10.98 -1.45 -17.69
C THR A 179 -10.14 -1.50 -18.95
N VAL A 180 -10.41 -2.50 -19.81
CA VAL A 180 -9.66 -2.65 -21.06
C VAL A 180 -9.87 -1.42 -21.94
N SER A 181 -11.12 -0.96 -22.02
CA SER A 181 -11.43 0.21 -22.81
C SER A 181 -10.64 1.41 -22.31
N ARG A 182 -10.56 1.54 -21.00
CA ARG A 182 -9.75 2.60 -20.40
C ARG A 182 -8.26 2.41 -20.67
N VAL A 183 -7.76 1.19 -20.51
CA VAL A 183 -6.35 0.93 -20.77
C VAL A 183 -6.02 1.22 -22.24
N LEU A 184 -6.86 0.73 -23.15
CA LEU A 184 -6.66 0.99 -24.57
C LEU A 184 -6.65 2.48 -24.92
N HIS A 185 -7.49 3.26 -24.25
CA HIS A 185 -7.53 4.69 -24.53
C HIS A 185 -6.23 5.36 -24.08
N ALA A 186 -5.74 5.01 -22.90
CA ALA A 186 -4.41 5.48 -22.44
C ALA A 186 -3.26 5.05 -23.38
N LEU A 187 -3.23 3.79 -23.80
CA LEU A 187 -2.15 3.33 -24.70
C LEU A 187 -2.22 4.06 -26.03
N ALA A 188 -3.43 4.42 -26.44
CA ALA A 188 -3.62 5.15 -27.70
C ALA A 188 -3.10 6.58 -27.58
N GLU A 189 -3.38 7.23 -26.46
CA GLU A 189 -2.84 8.56 -26.18
C GLU A 189 -1.32 8.53 -26.04
N GLU A 190 -0.79 7.40 -25.61
CA GLU A 190 0.65 7.21 -25.45
C GLU A 190 1.29 6.94 -26.80
N GLY A 191 0.46 6.81 -27.83
CA GLY A 191 0.93 6.50 -29.16
C GLY A 191 1.35 5.05 -29.38
N VAL A 192 1.06 4.20 -28.41
CA VAL A 192 1.49 2.80 -28.45
C VAL A 192 0.60 1.98 -29.39
N VAL A 193 -0.69 2.29 -29.39
CA VAL A 193 -1.62 1.60 -30.30
C VAL A 193 -2.48 2.62 -31.02
N ARG A 194 -3.13 2.17 -32.09
CA ARG A 194 -4.15 2.97 -32.75
C ARG A 194 -5.43 2.14 -32.81
N LEU A 195 -6.56 2.80 -32.58
CA LEU A 195 -7.83 2.10 -32.47
C LEU A 195 -8.77 2.44 -33.61
N GLY A 196 -9.63 1.48 -33.94
CA GLY A 196 -10.73 1.70 -34.87
C GLY A 196 -11.86 0.75 -34.51
N PRO A 197 -12.96 0.81 -35.27
CA PRO A 197 -14.12 -0.06 -35.05
C PRO A 197 -13.71 -1.54 -35.05
N GLY A 198 -13.68 -2.14 -33.86
CA GLY A 198 -13.34 -3.53 -33.70
C GLY A 198 -11.88 -3.85 -33.98
N THR A 199 -11.01 -2.85 -33.94
CA THR A 199 -9.60 -3.06 -34.28
C THR A 199 -8.58 -2.42 -33.32
N VAL A 200 -7.50 -3.13 -33.06
CA VAL A 200 -6.39 -2.56 -32.32
C VAL A 200 -5.09 -2.77 -33.10
N GLU A 201 -4.43 -1.67 -33.45
CA GLU A 201 -3.20 -1.76 -34.20
C GLU A 201 -2.01 -1.40 -33.32
N VAL A 202 -1.03 -2.30 -33.23
CA VAL A 202 0.18 -1.98 -32.50
C VAL A 202 1.07 -1.06 -33.34
N ARG A 203 1.44 0.10 -32.79
CA ARG A 203 2.29 1.04 -33.51
C ARG A 203 3.76 0.89 -33.11
N GLU A 204 3.96 0.59 -31.82
CA GLU A 204 5.28 0.61 -31.23
C GLU A 204 5.51 -0.68 -30.44
N ALA A 205 5.96 -1.70 -31.16
CA ALA A 205 6.08 -3.04 -30.60
C ALA A 205 7.04 -3.12 -29.43
N ALA A 206 8.18 -2.44 -29.54
CA ALA A 206 9.19 -2.50 -28.49
C ALA A 206 8.70 -1.83 -27.21
N LEU A 207 8.03 -0.71 -27.38
CA LEU A 207 7.47 0.03 -26.25
C LEU A 207 6.40 -0.83 -25.55
N LEU A 208 5.51 -1.39 -26.37
CA LEU A 208 4.48 -2.31 -25.92
C LEU A 208 5.06 -3.44 -25.07
N GLU A 209 6.18 -3.99 -25.53
CA GLU A 209 6.89 -5.06 -24.84
C GLU A 209 7.33 -4.58 -23.46
N GLU A 210 8.01 -3.44 -23.42
CA GLU A 210 8.40 -2.85 -22.13
C GLU A 210 7.18 -2.66 -21.20
N ILE A 211 6.06 -2.19 -21.75
CA ILE A 211 4.89 -1.96 -20.89
C ILE A 211 4.39 -3.29 -20.36
N ALA A 212 4.38 -4.28 -21.24
CA ALA A 212 3.92 -5.63 -20.92
C ALA A 212 4.69 -6.25 -19.75
N PHE A 213 5.96 -5.87 -19.57
CA PHE A 213 6.72 -6.44 -18.46
C PHE A 213 6.88 -5.52 -17.24
N GLY A 214 6.23 -4.36 -17.26
CA GLY A 214 6.22 -3.46 -16.11
C GLY A 214 7.42 -2.53 -16.07
N LEU A 215 8.02 -2.29 -17.23
CA LEU A 215 9.24 -1.51 -17.30
C LEU A 215 8.98 -0.11 -17.85
N ALA A 216 7.79 0.09 -18.41
CA ALA A 216 7.46 1.36 -19.03
C ALA A 216 5.96 1.63 -18.92
N GLY B 3 -13.16 -10.58 20.88
CA GLY B 3 -12.60 -9.40 21.51
C GLY B 3 -12.13 -8.37 20.50
N SER B 4 -12.66 -7.16 20.61
CA SER B 4 -12.31 -6.09 19.68
C SER B 4 -10.92 -5.50 19.96
N PRO B 5 -10.14 -5.27 18.89
CA PRO B 5 -8.81 -4.66 19.01
C PRO B 5 -8.88 -3.22 19.51
N LEU B 6 -10.02 -2.57 19.26
CA LEU B 6 -10.30 -1.22 19.76
C LEU B 6 -10.18 -1.14 21.27
N PHE B 7 -10.35 -2.30 21.91
CA PHE B 7 -10.40 -2.41 23.37
C PHE B 7 -9.19 -3.11 23.97
N HIS B 8 -8.17 -3.35 23.14
CA HIS B 8 -6.95 -3.98 23.60
C HIS B 8 -6.26 -3.19 24.73
N GLY B 9 -5.92 -3.87 25.81
CA GLY B 9 -5.24 -3.24 26.94
C GLY B 9 -6.15 -2.81 28.07
N LEU B 10 -7.45 -2.76 27.82
CA LEU B 10 -8.39 -2.29 28.83
C LEU B 10 -8.86 -3.41 29.76
N ALA B 11 -8.95 -3.10 31.05
CA ALA B 11 -9.61 -3.97 32.02
C ALA B 11 -11.09 -4.23 31.63
N PRO B 12 -11.67 -5.33 32.13
CA PRO B 12 -13.08 -5.69 31.85
C PRO B 12 -14.08 -4.58 32.16
N GLU B 13 -13.88 -3.89 33.27
CA GLU B 13 -14.70 -2.75 33.70
C GLU B 13 -14.56 -1.59 32.71
N GLU B 14 -13.36 -1.43 32.17
CA GLU B 14 -13.04 -0.34 31.25
C GLU B 14 -13.65 -0.60 29.88
N VAL B 15 -13.72 -1.86 29.48
CA VAL B 15 -14.45 -2.21 28.27
C VAL B 15 -15.94 -1.88 28.41
N ASP B 16 -16.50 -2.22 29.57
CA ASP B 16 -17.90 -1.90 29.86
C ASP B 16 -18.12 -0.39 29.80
N LEU B 17 -17.19 0.34 30.40
CA LEU B 17 -17.21 1.78 30.39
C LEU B 17 -17.24 2.33 28.96
N ALA B 18 -16.32 1.84 28.14
CA ALA B 18 -16.22 2.29 26.75
C ALA B 18 -17.50 1.99 25.94
N LEU B 19 -18.04 0.79 26.08
CA LEU B 19 -19.23 0.38 25.34
C LEU B 19 -20.46 1.25 25.61
N SER B 20 -20.46 1.97 26.74
CA SER B 20 -21.63 2.74 27.16
C SER B 20 -21.80 4.03 26.36
N TYR B 21 -20.77 4.40 25.60
CA TYR B 21 -20.83 5.59 24.75
C TYR B 21 -21.45 5.29 23.37
N PHE B 22 -21.67 4.00 23.08
CA PHE B 22 -22.12 3.56 21.77
C PHE B 22 -23.65 3.58 21.63
N GLN B 23 -24.11 3.61 20.38
CA GLN B 23 -25.53 3.59 20.07
C GLN B 23 -25.78 2.44 19.11
N ARG B 24 -26.90 1.75 19.31
CA ARG B 24 -27.25 0.61 18.48
C ARG B 24 -27.86 1.06 17.15
N ARG B 25 -27.38 0.50 16.05
CA ARG B 25 -27.95 0.75 14.72
C ARG B 25 -28.07 -0.58 13.98
N LEU B 26 -29.20 -0.79 13.30
CA LEU B 26 -29.48 -2.05 12.61
C LEU B 26 -29.54 -1.91 11.09
N TYR B 27 -28.86 -2.81 10.38
CA TYR B 27 -28.89 -2.85 8.92
C TYR B 27 -29.18 -4.25 8.40
N PRO B 28 -30.35 -4.44 7.79
CA PRO B 28 -30.80 -5.71 7.17
C PRO B 28 -29.91 -6.10 5.99
N GLN B 29 -29.95 -7.38 5.61
CA GLN B 29 -29.21 -7.89 4.44
C GLN B 29 -29.32 -6.99 3.20
N GLY B 30 -28.18 -6.58 2.67
CA GLY B 30 -28.13 -5.82 1.43
C GLY B 30 -28.36 -4.33 1.54
N LYS B 31 -28.60 -3.83 2.76
CA LYS B 31 -28.78 -2.39 2.96
C LYS B 31 -27.43 -1.68 3.03
N PRO B 32 -27.32 -0.55 2.31
CA PRO B 32 -26.13 0.30 2.39
C PRO B 32 -26.07 0.95 3.75
N ILE B 33 -24.89 0.96 4.35
CA ILE B 33 -24.70 1.59 5.64
C ILE B 33 -24.33 3.06 5.39
N PHE B 34 -23.30 3.27 4.56
CA PHE B 34 -23.01 4.58 3.98
C PHE B 34 -22.26 4.42 2.66
N TYR B 35 -22.08 5.52 1.94
CA TYR B 35 -21.38 5.54 0.67
C TYR B 35 -20.10 6.35 0.70
N GLN B 36 -19.19 6.01 -0.22
CA GLN B 36 -17.97 6.78 -0.44
C GLN B 36 -18.38 8.20 -0.84
N GLY B 37 -17.75 9.20 -0.24
CA GLY B 37 -18.11 10.58 -0.49
C GLY B 37 -19.19 11.16 0.43
N ASP B 38 -19.72 10.33 1.31
CA ASP B 38 -20.75 10.79 2.25
C ASP B 38 -20.14 11.55 3.44
N LEU B 39 -20.92 12.49 3.99
CA LEU B 39 -20.54 13.14 5.24
C LEU B 39 -20.61 12.08 6.33
N GLY B 40 -19.56 11.96 7.13
CA GLY B 40 -19.55 10.95 8.19
C GLY B 40 -19.28 11.53 9.57
N GLN B 41 -20.02 11.05 10.56
CA GLN B 41 -19.85 11.57 11.92
C GLN B 41 -19.72 10.47 12.98
N ALA B 42 -19.50 9.24 12.53
CA ALA B 42 -19.42 8.10 13.45
C ALA B 42 -18.61 6.93 12.91
N LEU B 43 -17.99 6.17 13.81
CA LEU B 43 -17.40 4.89 13.45
C LEU B 43 -18.32 3.78 13.93
N TYR B 44 -18.06 2.55 13.50
CA TYR B 44 -18.91 1.44 13.86
C TYR B 44 -18.10 0.21 14.26
N LEU B 45 -18.56 -0.45 15.31
CA LEU B 45 -18.15 -1.81 15.63
C LEU B 45 -19.23 -2.74 15.13
N VAL B 46 -18.85 -3.91 14.63
CA VAL B 46 -19.83 -4.91 14.23
C VAL B 46 -20.15 -5.81 15.43
N ALA B 47 -21.41 -5.76 15.88
CA ALA B 47 -21.87 -6.61 16.96
C ALA B 47 -22.27 -8.00 16.43
N SER B 48 -22.94 -8.02 15.28
CA SER B 48 -23.33 -9.26 14.63
C SER B 48 -23.57 -9.01 13.14
N GLY B 49 -23.38 -10.03 12.31
CA GLY B 49 -23.59 -9.90 10.89
C GLY B 49 -22.28 -9.78 10.13
N LYS B 50 -22.35 -9.20 8.94
CA LYS B 50 -21.18 -9.08 8.07
C LYS B 50 -21.27 -7.82 7.22
N VAL B 51 -20.16 -7.09 7.15
CA VAL B 51 -20.12 -5.85 6.39
C VAL B 51 -19.08 -5.90 5.29
N ARG B 52 -19.42 -5.42 4.10
CA ARG B 52 -18.41 -5.28 3.06
C ARG B 52 -18.08 -3.82 2.77
N LEU B 53 -16.78 -3.52 2.73
CA LEU B 53 -16.25 -2.23 2.33
C LEU B 53 -15.68 -2.29 0.91
N PHE B 54 -15.93 -1.23 0.13
CA PHE B 54 -15.43 -1.16 -1.23
C PHE B 54 -15.33 0.29 -1.72
N ARG B 55 -14.43 0.51 -2.66
CA ARG B 55 -14.28 1.80 -3.30
C ARG B 55 -14.76 1.67 -4.72
N THR B 56 -15.17 2.78 -5.32
CA THR B 56 -15.66 2.74 -6.69
C THR B 56 -14.76 3.60 -7.58
N HIS B 57 -14.41 3.06 -8.74
CA HIS B 57 -13.55 3.75 -9.70
C HIS B 57 -13.69 3.10 -11.08
N LEU B 58 -13.04 3.70 -12.08
CA LEU B 58 -12.96 3.12 -13.44
C LEU B 58 -14.32 2.84 -14.09
N GLY B 59 -15.15 3.89 -14.20
CA GLY B 59 -16.43 3.76 -14.87
C GLY B 59 -17.42 3.00 -14.01
N GLY B 60 -17.31 3.17 -12.69
CA GLY B 60 -18.23 2.56 -11.75
C GLY B 60 -17.93 1.13 -11.37
N GLN B 61 -16.66 0.76 -11.32
CA GLN B 61 -16.31 -0.61 -10.92
C GLN B 61 -15.97 -0.62 -9.44
N GLU B 62 -16.21 -1.74 -8.78
CA GLU B 62 -15.91 -1.77 -7.37
C GLU B 62 -14.76 -2.68 -6.96
N ARG B 63 -13.91 -2.12 -6.12
CA ARG B 63 -12.77 -2.85 -5.60
C ARG B 63 -13.00 -3.08 -4.11
N THR B 64 -13.31 -4.33 -3.75
CA THR B 64 -13.58 -4.69 -2.37
C THR B 64 -12.34 -4.53 -1.50
N LEU B 65 -12.48 -3.89 -0.36
CA LEU B 65 -11.33 -3.68 0.54
C LEU B 65 -11.37 -4.59 1.76
N ALA B 66 -12.56 -4.97 2.22
CA ALA B 66 -12.68 -5.78 3.42
C ALA B 66 -14.04 -6.42 3.61
N LEU B 67 -14.03 -7.61 4.20
CA LEU B 67 -15.23 -8.23 4.76
C LEU B 67 -15.07 -8.24 6.28
N LEU B 68 -15.99 -7.61 6.97
CA LEU B 68 -15.86 -7.46 8.41
C LEU B 68 -16.93 -8.25 9.13
N GLY B 69 -16.51 -8.99 10.14
CA GLY B 69 -17.44 -9.70 11.00
C GLY B 69 -17.40 -9.10 12.38
N PRO B 70 -18.12 -9.74 13.34
CA PRO B 70 -18.19 -9.34 14.75
C PRO B 70 -16.84 -8.94 15.37
N GLY B 71 -16.85 -7.81 16.08
CA GLY B 71 -15.68 -7.33 16.77
C GLY B 71 -14.82 -6.39 15.95
N GLU B 72 -15.12 -6.30 14.66
CA GLU B 72 -14.29 -5.52 13.76
C GLU B 72 -14.83 -4.10 13.57
N LEU B 73 -13.94 -3.18 13.23
CA LEU B 73 -14.23 -1.75 13.20
C LEU B 73 -14.15 -1.14 11.80
N PHE B 74 -15.03 -0.18 11.52
CA PHE B 74 -14.93 0.63 10.29
C PHE B 74 -15.52 2.03 10.44
N GLY B 75 -15.14 2.93 9.53
CA GLY B 75 -15.66 4.28 9.49
C GLY B 75 -14.96 5.25 10.44
N GLU B 76 -13.74 4.90 10.82
CA GLU B 76 -13.00 5.70 11.79
C GLU B 76 -12.33 6.94 11.17
N MET B 77 -12.17 6.96 9.86
CA MET B 77 -11.47 8.06 9.22
C MET B 77 -12.29 9.35 9.20
N SER B 78 -13.55 9.26 8.77
CA SER B 78 -14.43 10.43 8.77
C SER B 78 -14.67 10.89 10.20
N LEU B 79 -14.73 9.93 11.12
CA LEU B 79 -14.81 10.25 12.54
C LEU B 79 -13.65 11.12 13.01
N LEU B 80 -12.46 10.79 12.53
CA LEU B 80 -11.23 11.44 12.98
C LEU B 80 -10.98 12.77 12.30
N ASP B 81 -11.08 12.81 10.97
CA ASP B 81 -10.68 14.01 10.21
C ASP B 81 -11.83 14.83 9.61
N GLU B 82 -13.05 14.32 9.77
CA GLU B 82 -14.26 14.96 9.24
C GLU B 82 -14.26 15.02 7.71
N GLY B 83 -13.38 14.25 7.07
CA GLY B 83 -13.38 14.12 5.62
C GLY B 83 -14.53 13.22 5.17
N GLU B 84 -14.79 13.18 3.86
CA GLU B 84 -15.80 12.27 3.35
C GLU B 84 -15.38 10.83 3.61
N ARG B 85 -16.36 9.92 3.56
CA ARG B 85 -16.08 8.50 3.67
C ARG B 85 -15.13 8.12 2.54
N SER B 86 -14.06 7.42 2.89
CA SER B 86 -13.11 6.98 1.89
C SER B 86 -13.57 5.70 1.17
N ALA B 87 -14.65 5.08 1.65
CA ALA B 87 -15.18 3.87 1.03
C ALA B 87 -16.68 3.71 1.32
N SER B 88 -17.35 2.91 0.51
CA SER B 88 -18.75 2.54 0.76
C SER B 88 -18.78 1.32 1.69
N ALA B 89 -19.84 1.23 2.49
CA ALA B 89 -20.05 0.09 3.39
C ALA B 89 -21.47 -0.46 3.26
N VAL B 90 -21.58 -1.75 2.97
CA VAL B 90 -22.87 -2.40 2.79
C VAL B 90 -23.00 -3.65 3.68
N ALA B 91 -24.19 -3.87 4.23
CA ALA B 91 -24.43 -5.05 5.03
C ALA B 91 -24.65 -6.21 4.07
N VAL B 92 -23.91 -7.30 4.26
CA VAL B 92 -24.15 -8.49 3.45
C VAL B 92 -24.94 -9.56 4.22
N GLU B 93 -25.08 -9.36 5.52
CA GLU B 93 -26.00 -10.14 6.35
C GLU B 93 -26.86 -9.15 7.13
N ASP B 94 -27.91 -9.64 7.80
CA ASP B 94 -28.61 -8.84 8.79
C ASP B 94 -27.56 -8.47 9.82
N THR B 95 -27.38 -7.17 10.06
CA THR B 95 -26.23 -6.69 10.82
C THR B 95 -26.59 -5.75 11.97
N GLU B 96 -25.98 -6.00 13.12
CA GLU B 96 -26.06 -5.09 14.25
C GLU B 96 -24.74 -4.33 14.39
N LEU B 97 -24.85 -3.00 14.37
CA LEU B 97 -23.72 -2.11 14.47
C LEU B 97 -23.76 -1.31 15.75
N LEU B 98 -22.62 -1.22 16.44
CA LEU B 98 -22.50 -0.31 17.57
C LEU B 98 -21.78 0.93 17.07
N ALA B 99 -22.48 2.05 17.09
CA ALA B 99 -21.97 3.30 16.52
C ALA B 99 -21.44 4.25 17.58
N LEU B 100 -20.29 4.85 17.28
CA LEU B 100 -19.76 5.86 18.18
C LEU B 100 -19.61 7.19 17.47
N PHE B 101 -20.39 8.18 17.90
CA PHE B 101 -20.38 9.47 17.23
C PHE B 101 -19.19 10.31 17.68
N ARG B 102 -18.90 11.36 16.93
CA ARG B 102 -17.67 12.11 17.15
C ARG B 102 -17.63 12.78 18.53
N GLU B 103 -18.74 13.39 18.94
CA GLU B 103 -18.80 14.05 20.23
C GLU B 103 -18.69 13.05 21.38
N ASP B 104 -19.23 11.85 21.18
CA ASP B 104 -19.16 10.84 22.24
C ASP B 104 -17.78 10.19 22.30
N TYR B 105 -17.14 10.10 21.14
CA TYR B 105 -15.77 9.62 21.06
C TYR B 105 -14.83 10.58 21.80
N LEU B 106 -15.01 11.88 21.59
CA LEU B 106 -14.18 12.91 22.20
C LEU B 106 -14.24 12.90 23.74
N ALA B 107 -15.40 12.59 24.28
CA ALA B 107 -15.54 12.51 25.73
C ALA B 107 -14.97 11.18 26.23
N LEU B 108 -15.07 10.13 25.40
CA LEU B 108 -14.57 8.82 25.80
C LEU B 108 -13.03 8.75 25.95
N ILE B 109 -12.31 9.29 24.97
CA ILE B 109 -10.85 9.19 25.02
C ILE B 109 -10.27 10.01 26.17
N ARG B 110 -11.04 11.00 26.64
CA ARG B 110 -10.64 11.80 27.81
C ARG B 110 -10.62 10.94 29.07
N ARG B 111 -11.48 9.93 29.11
CA ARG B 111 -11.46 8.93 30.17
C ARG B 111 -10.56 7.73 29.85
N LEU B 112 -10.52 7.31 28.58
CA LEU B 112 -9.65 6.19 28.17
C LEU B 112 -8.82 6.45 26.91
N PRO B 113 -7.67 7.15 27.08
CA PRO B 113 -6.81 7.53 25.95
C PRO B 113 -6.41 6.33 25.11
N LEU B 114 -6.34 5.17 25.76
CA LEU B 114 -5.92 3.94 25.11
C LEU B 114 -6.84 3.57 23.94
N VAL B 115 -8.04 4.16 23.91
CA VAL B 115 -8.95 3.98 22.78
C VAL B 115 -8.46 4.74 21.57
N ALA B 116 -8.00 5.97 21.78
CA ALA B 116 -7.44 6.74 20.69
C ALA B 116 -6.18 6.06 20.15
N HIS B 117 -5.33 5.60 21.06
CA HIS B 117 -4.10 4.91 20.67
C HIS B 117 -4.41 3.65 19.89
N ASN B 118 -5.44 2.91 20.33
CA ASN B 118 -5.83 1.69 19.64
C ASN B 118 -6.31 1.94 18.22
N LEU B 119 -6.96 3.08 17.99
CA LEU B 119 -7.35 3.45 16.62
C LEU B 119 -6.10 3.71 15.79
N ALA B 120 -5.17 4.48 16.36
CA ALA B 120 -3.90 4.75 15.70
C ALA B 120 -3.21 3.45 15.24
N ALA B 121 -3.14 2.48 16.15
CA ALA B 121 -2.47 1.19 15.91
C ALA B 121 -3.16 0.39 14.79
N LEU B 122 -4.48 0.45 14.78
CA LEU B 122 -5.27 -0.24 13.77
C LEU B 122 -5.03 0.34 12.38
N LEU B 123 -5.02 1.66 12.30
CA LEU B 123 -4.68 2.36 11.07
C LEU B 123 -3.23 2.05 10.65
N ALA B 124 -2.35 1.90 11.63
CA ALA B 124 -0.97 1.56 11.32
C ALA B 124 -0.92 0.15 10.73
N ARG B 125 -1.69 -0.77 11.31
CA ARG B 125 -1.80 -2.14 10.80
C ARG B 125 -2.29 -2.16 9.36
N ARG B 126 -3.24 -1.27 9.05
CA ARG B 126 -3.83 -1.20 7.72
C ARG B 126 -2.87 -0.59 6.70
N LEU B 127 -2.06 0.35 7.13
CA LEU B 127 -1.08 0.97 6.25
C LEU B 127 0.05 0.00 5.91
N ARG B 128 0.32 -0.94 6.80
CA ARG B 128 1.30 -1.97 6.54
C ARG B 128 0.80 -2.98 5.52
N GLU B 129 -0.47 -3.35 5.64
CA GLU B 129 -1.13 -4.21 4.66
C GLU B 129 -1.20 -3.55 3.29
N ALA B 130 -1.35 -2.23 3.29
CA ALA B 130 -1.33 -1.45 2.06
C ALA B 130 0.05 -1.38 1.38
N ASP B 131 1.13 -1.27 2.15
CA ASP B 131 2.48 -1.27 1.57
C ASP B 131 2.74 -2.62 0.90
N LEU B 132 2.22 -3.69 1.51
CA LEU B 132 2.36 -5.04 0.97
C LEU B 132 1.63 -5.22 -0.36
N GLU B 133 0.43 -4.68 -0.46
CA GLU B 133 -0.38 -4.79 -1.68
C GLU B 133 0.30 -4.06 -2.85
N LEU B 134 1.09 -3.05 -2.53
CA LEU B 134 1.88 -2.34 -3.52
C LEU B 134 2.95 -3.25 -4.14
N ASP B 135 3.57 -4.07 -3.29
CA ASP B 135 4.71 -4.89 -3.70
C ASP B 135 4.31 -6.24 -4.32
N LEU B 136 3.02 -6.57 -4.28
CA LEU B 136 2.57 -7.93 -4.60
C LEU B 136 2.39 -8.24 -6.10
N LEU B 137 2.78 -9.46 -6.49
CA LEU B 137 2.69 -9.94 -7.87
C LEU B 137 2.60 -11.47 -7.87
N SER B 138 1.76 -12.02 -8.74
CA SER B 138 1.56 -13.48 -8.84
C SER B 138 2.86 -14.19 -9.23
N PHE B 139 2.99 -15.45 -8.81
CA PHE B 139 4.16 -16.22 -9.16
C PHE B 139 4.29 -16.33 -10.68
N GLU B 140 3.16 -16.60 -11.32
CA GLU B 140 3.12 -16.80 -12.75
C GLU B 140 3.71 -15.63 -13.56
N GLU B 141 3.27 -14.42 -13.26
CA GLU B 141 3.76 -13.23 -13.94
C GLU B 141 5.22 -12.93 -13.54
N ALA B 142 5.56 -13.18 -12.29
CA ALA B 142 6.94 -13.10 -11.84
C ALA B 142 7.82 -13.99 -12.73
N ARG B 143 7.34 -15.19 -13.03
CA ARG B 143 8.07 -16.15 -13.86
C ARG B 143 8.37 -15.60 -15.26
N ASN B 144 7.35 -15.11 -15.94
CA ASN B 144 7.50 -14.40 -17.22
C ASN B 144 8.54 -13.27 -17.15
N ARG B 145 8.42 -12.42 -16.14
CA ARG B 145 9.26 -11.25 -16.01
C ARG B 145 10.72 -11.60 -15.76
N VAL B 146 10.95 -12.63 -14.96
CA VAL B 146 12.31 -13.09 -14.68
C VAL B 146 12.91 -13.75 -15.93
N ALA B 147 12.12 -14.56 -16.63
CA ALA B 147 12.55 -15.18 -17.88
C ALA B 147 12.94 -14.09 -18.87
N TYR B 148 12.10 -13.07 -19.00
CA TYR B 148 12.37 -11.96 -19.92
C TYR B 148 13.66 -11.23 -19.59
N ALA B 149 13.90 -11.00 -18.29
CA ALA B 149 15.16 -10.42 -17.85
C ALA B 149 16.37 -11.25 -18.35
N LEU B 150 16.30 -12.56 -18.15
CA LEU B 150 17.33 -13.48 -18.61
C LEU B 150 17.47 -13.41 -20.13
N LEU B 151 16.32 -13.38 -20.81
CA LEU B 151 16.29 -13.20 -22.25
C LEU B 151 17.11 -11.96 -22.65
N LYS B 152 16.90 -10.87 -21.91
CA LYS B 152 17.59 -9.61 -22.18
C LYS B 152 19.11 -9.75 -22.12
N LEU B 153 19.61 -10.59 -21.23
CA LEU B 153 21.04 -10.87 -21.12
C LEU B 153 21.51 -11.74 -22.29
N LEU B 154 20.70 -12.73 -22.64
CA LEU B 154 20.98 -13.53 -23.82
C LEU B 154 21.12 -12.65 -25.05
N ARG B 155 20.37 -11.56 -25.11
CA ARG B 155 20.36 -10.78 -26.33
C ARG B 155 21.52 -9.78 -26.48
N GLN B 156 22.46 -9.82 -25.55
CA GLN B 156 23.64 -8.96 -25.70
C GLN B 156 24.74 -9.63 -26.52
N GLY B 157 24.54 -10.90 -26.87
CA GLY B 157 25.37 -11.57 -27.86
C GLY B 157 26.53 -12.40 -27.34
N LEU B 158 26.58 -12.57 -26.02
CA LEU B 158 27.63 -13.37 -25.38
C LEU B 158 27.02 -14.68 -24.89
N GLY B 159 26.71 -14.74 -23.59
CA GLY B 159 25.99 -15.86 -23.01
C GLY B 159 26.56 -17.24 -23.31
N PRO B 160 25.81 -18.30 -22.97
CA PRO B 160 24.58 -18.21 -22.16
C PRO B 160 24.92 -18.35 -20.67
N LEU B 161 26.20 -18.26 -20.33
CA LEU B 161 26.60 -18.32 -18.94
C LEU B 161 26.80 -16.91 -18.39
N PHE B 162 26.15 -16.60 -17.28
CA PHE B 162 26.25 -15.24 -16.75
C PHE B 162 26.76 -15.18 -15.32
N GLN B 163 27.70 -14.28 -15.11
CA GLN B 163 28.12 -13.90 -13.78
C GLN B 163 27.06 -12.89 -13.33
N ILE B 164 26.14 -13.33 -12.48
CA ILE B 164 25.06 -12.44 -12.07
C ILE B 164 24.42 -12.85 -10.74
N ARG B 165 24.19 -11.87 -9.88
CA ARG B 165 23.59 -12.13 -8.58
C ARG B 165 22.07 -12.12 -8.72
N HIS B 166 21.36 -12.82 -7.84
CA HIS B 166 19.90 -12.78 -7.90
C HIS B 166 19.39 -11.35 -7.73
N HIS B 167 20.09 -10.53 -6.96
CA HIS B 167 19.63 -9.16 -6.74
C HIS B 167 19.77 -8.28 -7.98
N GLU B 168 20.79 -8.52 -8.80
CA GLU B 168 20.98 -7.73 -10.01
C GLU B 168 19.92 -8.13 -11.05
N LEU B 169 19.55 -9.39 -10.99
CA LEU B 169 18.51 -9.91 -11.85
C LEU B 169 17.14 -9.38 -11.38
N ALA B 170 16.99 -9.21 -10.05
CA ALA B 170 15.74 -8.67 -9.50
C ALA B 170 15.57 -7.21 -9.89
N ALA B 171 16.65 -6.46 -9.88
CA ALA B 171 16.62 -5.08 -10.32
C ALA B 171 16.26 -5.03 -11.80
N LEU B 172 16.81 -5.96 -12.57
CA LEU B 172 16.51 -6.04 -13.98
C LEU B 172 15.03 -6.31 -14.23
N ALA B 173 14.49 -7.31 -13.55
CA ALA B 173 13.10 -7.76 -13.76
C ALA B 173 12.04 -6.92 -13.03
N GLY B 174 12.44 -6.18 -12.00
CA GLY B 174 11.52 -5.38 -11.22
C GLY B 174 10.74 -6.21 -10.21
N THR B 175 11.40 -7.23 -9.66
CA THR B 175 10.79 -8.07 -8.66
C THR B 175 11.75 -8.08 -7.48
N SER B 176 11.37 -8.77 -6.41
CA SER B 176 12.25 -8.88 -5.24
C SER B 176 13.32 -9.93 -5.49
N ARG B 177 14.40 -9.86 -4.72
CA ARG B 177 15.47 -10.86 -4.75
C ARG B 177 14.89 -12.24 -4.42
N GLU B 178 14.00 -12.30 -3.42
CA GLU B 178 13.41 -13.56 -2.99
C GLU B 178 12.61 -14.25 -4.08
N THR B 179 11.82 -13.49 -4.84
CA THR B 179 11.01 -14.13 -5.88
C THR B 179 11.87 -14.55 -7.08
N VAL B 180 12.94 -13.79 -7.34
CA VAL B 180 13.91 -14.19 -8.36
C VAL B 180 14.53 -15.54 -8.03
N SER B 181 14.85 -15.75 -6.75
CA SER B 181 15.40 -17.04 -6.34
C SER B 181 14.35 -18.12 -6.48
N ARG B 182 13.12 -17.80 -6.08
CA ARG B 182 12.01 -18.73 -6.22
C ARG B 182 11.81 -19.12 -7.68
N VAL B 183 11.82 -18.13 -8.56
CA VAL B 183 11.64 -18.37 -9.99
C VAL B 183 12.80 -19.15 -10.59
N LEU B 184 14.02 -18.78 -10.23
CA LEU B 184 15.21 -19.47 -10.72
C LEU B 184 15.24 -20.93 -10.29
N HIS B 185 14.79 -21.21 -9.07
CA HIS B 185 14.75 -22.59 -8.62
C HIS B 185 13.73 -23.41 -9.40
N ALA B 186 12.57 -22.81 -9.69
CA ALA B 186 11.59 -23.43 -10.58
C ALA B 186 12.11 -23.61 -12.02
N LEU B 187 12.82 -22.60 -12.54
CA LEU B 187 13.40 -22.71 -13.88
C LEU B 187 14.49 -23.77 -13.96
N ALA B 188 15.22 -23.98 -12.87
CA ALA B 188 16.22 -25.04 -12.83
C ALA B 188 15.58 -26.43 -12.75
N GLU B 189 14.53 -26.56 -11.97
CA GLU B 189 13.73 -27.78 -11.87
C GLU B 189 13.12 -28.19 -13.23
N GLU B 190 12.84 -27.18 -14.06
CA GLU B 190 12.33 -27.41 -15.41
C GLU B 190 13.45 -27.63 -16.42
N GLY B 191 14.68 -27.63 -15.95
CA GLY B 191 15.84 -27.79 -16.80
C GLY B 191 16.12 -26.64 -17.77
N VAL B 192 15.50 -25.48 -17.54
CA VAL B 192 15.69 -24.34 -18.43
C VAL B 192 17.00 -23.60 -18.15
N VAL B 193 17.36 -23.51 -16.87
CA VAL B 193 18.59 -22.85 -16.45
C VAL B 193 19.38 -23.75 -15.50
N ARG B 194 20.68 -23.50 -15.41
CA ARG B 194 21.52 -24.16 -14.43
C ARG B 194 22.16 -23.11 -13.53
N LEU B 195 22.11 -23.35 -12.22
CA LEU B 195 22.63 -22.38 -11.26
C LEU B 195 23.94 -22.81 -10.65
N GLY B 196 24.75 -21.82 -10.30
CA GLY B 196 25.97 -22.08 -9.56
C GLY B 196 26.26 -20.86 -8.73
N PRO B 197 27.33 -20.93 -7.92
CA PRO B 197 27.80 -19.81 -7.09
C PRO B 197 27.99 -18.55 -7.93
N GLY B 198 27.04 -17.62 -7.81
CA GLY B 198 27.08 -16.38 -8.57
C GLY B 198 26.89 -16.50 -10.09
N THR B 199 26.27 -17.59 -10.55
CA THR B 199 26.06 -17.81 -11.99
C THR B 199 24.70 -18.40 -12.38
N VAL B 200 24.18 -17.93 -13.51
CA VAL B 200 23.02 -18.52 -14.10
C VAL B 200 23.34 -18.89 -15.54
N GLU B 201 23.19 -20.16 -15.88
CA GLU B 201 23.41 -20.62 -17.23
C GLU B 201 22.09 -21.04 -17.88
N VAL B 202 21.76 -20.42 -19.00
CA VAL B 202 20.58 -20.78 -19.78
C VAL B 202 20.89 -22.04 -20.59
N ARG B 203 20.01 -23.03 -20.53
CA ARG B 203 20.21 -24.31 -21.21
C ARG B 203 19.35 -24.36 -22.45
N GLU B 204 18.08 -24.01 -22.24
CA GLU B 204 17.05 -24.01 -23.25
C GLU B 204 16.60 -22.60 -23.57
N ALA B 205 17.34 -21.92 -24.45
CA ALA B 205 17.02 -20.54 -24.79
C ALA B 205 15.65 -20.37 -25.43
N ALA B 206 15.28 -21.30 -26.31
CA ALA B 206 14.00 -21.19 -26.99
C ALA B 206 12.89 -21.39 -26.01
N LEU B 207 13.07 -22.34 -25.09
CA LEU B 207 12.04 -22.63 -24.10
C LEU B 207 11.91 -21.45 -23.14
N LEU B 208 13.04 -20.80 -22.87
CA LEU B 208 13.06 -19.61 -22.03
C LEU B 208 12.25 -18.50 -22.71
N GLU B 209 12.53 -18.26 -23.98
CA GLU B 209 11.85 -17.22 -24.74
C GLU B 209 10.35 -17.51 -24.76
N GLU B 210 10.01 -18.79 -24.83
CA GLU B 210 8.60 -19.20 -24.76
C GLU B 210 8.01 -18.82 -23.41
N ILE B 211 8.76 -19.10 -22.35
CA ILE B 211 8.30 -18.79 -21.00
C ILE B 211 8.16 -17.28 -20.77
N ALA B 212 9.09 -16.50 -21.31
CA ALA B 212 9.06 -15.04 -21.16
C ALA B 212 7.77 -14.46 -21.74
N PHE B 213 7.36 -15.00 -22.88
CA PHE B 213 6.19 -14.48 -23.57
C PHE B 213 4.94 -15.26 -23.25
N GLY B 214 5.00 -16.06 -22.20
CA GLY B 214 3.80 -16.62 -21.61
C GLY B 214 3.06 -17.65 -22.44
N LEU B 215 3.72 -18.16 -23.46
CA LEU B 215 3.16 -19.28 -24.20
C LEU B 215 3.74 -20.61 -23.71
N ALA B 216 4.55 -20.54 -22.65
CA ALA B 216 5.02 -21.73 -21.94
C ALA B 216 5.28 -21.35 -20.47
P CMP C . 8.11 4.31 10.37
O1P CMP C . 8.20 4.08 11.86
O2P CMP C . 7.61 3.17 9.48
O5' CMP C . 9.53 4.83 9.80
C5' CMP C . 9.61 5.48 8.54
C4' CMP C . 8.53 6.49 8.46
O4' CMP C . 8.33 7.02 7.12
C3' CMP C . 7.16 5.96 8.78
O3' CMP C . 7.07 5.55 10.13
C2' CMP C . 6.30 7.14 8.38
O2' CMP C . 6.47 8.20 9.31
C1' CMP C . 7.00 7.55 7.07
N9 CMP C . 6.33 7.01 5.88
C8 CMP C . 6.30 5.72 5.51
N7 CMP C . 5.62 5.54 4.35
C5 CMP C . 5.20 6.75 3.95
C6 CMP C . 4.43 7.25 2.79
N6 CMP C . 3.97 6.39 1.84
N1 CMP C . 4.21 8.58 2.74
C2 CMP C . 4.66 9.43 3.69
N3 CMP C . 5.38 9.03 4.77
C4 CMP C . 5.67 7.73 4.96
S SO4 D . 11.68 12.15 29.17
O1 SO4 D . 11.03 11.36 30.20
O2 SO4 D . 12.83 12.86 29.72
O3 SO4 D . 12.13 11.30 28.08
O4 SO4 D . 10.72 13.14 28.67
S SO4 E . -16.55 -4.49 -26.78
O1 SO4 E . -16.04 -5.58 -25.93
O2 SO4 E . -16.93 -3.34 -25.96
O3 SO4 E . -15.52 -4.09 -27.74
O4 SO4 E . -17.73 -4.98 -27.51
MG MG F . 12.01 8.72 30.21
P CMP G . -14.24 6.02 6.64
O1P CMP G . -14.95 6.82 7.69
O2P CMP G . -13.25 6.71 5.74
O5' CMP G . -15.30 5.19 5.76
C5' CMP G . -14.92 4.00 5.07
C4' CMP G . -14.07 3.17 5.97
O4' CMP G . -13.42 2.09 5.28
C3' CMP G . -12.90 3.90 6.55
O3' CMP G . -13.32 4.92 7.45
C2' CMP G . -12.10 2.76 7.15
O2' CMP G . -12.73 2.26 8.32
C1' CMP G . -12.28 1.72 6.04
N9 CMP G . -11.11 1.68 5.14
C8 CMP G . -10.66 2.67 4.37
N7 CMP G . -9.53 2.27 3.72
C5 CMP G . -9.27 0.99 4.08
C6 CMP G . -8.25 -0.04 3.77
N6 CMP G . -7.25 0.23 2.89
N1 CMP G . -8.37 -1.25 4.39
C2 CMP G . -9.35 -1.52 5.26
N3 CMP G . -10.32 -0.63 5.58
C4 CMP G . -10.32 0.61 5.04
S SO4 H . -6.34 3.91 29.80
O1 SO4 H . -6.81 4.70 30.94
O2 SO4 H . -4.88 4.08 29.69
O3 SO4 H . -6.64 2.49 30.00
O4 SO4 H . -6.99 4.39 28.59
S SO4 I . 22.99 -15.06 -5.51
O1 SO4 I . 24.09 -14.74 -4.60
O2 SO4 I . 22.59 -13.84 -6.20
O3 SO4 I . 23.42 -16.06 -6.49
O4 SO4 I . 21.83 -15.56 -4.75
S SO4 J . -11.04 6.50 -12.10
O1 SO4 J . -9.84 5.89 -11.52
O2 SO4 J . -10.78 7.90 -12.43
O3 SO4 J . -11.40 5.81 -13.33
O4 SO4 J . -12.14 6.43 -11.13
#